data_5EHM
#
_entry.id   5EHM
#
_cell.length_a   56.891
_cell.length_b   56.891
_cell.length_c   143.584
_cell.angle_alpha   90.00
_cell.angle_beta   90.00
_cell.angle_gamma   120.00
#
_symmetry.space_group_name_H-M   'P 31'
#
loop_
_entity.id
_entity.type
_entity.pdbx_description
1 polymer RE06730p,CG3822
2 non-polymer 'N-methyl-D-aspartic acid'
3 water water
#
_entity_poly.entity_id   1
_entity_poly.type   'polypeptide(L)'
_entity_poly.pdbx_seq_one_letter_code
;GSANLKNKTLVVTTILSNPYCMRKESAIPLSGNDQFEGYAVDLIHEISKSLGFNYKIQLVPDGSYGSLNKLTGEWNGMIR
ELLEQRADLAIADLTITFEREQAVDFTTPFMNLGVSILYRKGTPIESAEDLAKQTRIKYGALKGGSTAAFFRDSKISTYQ
RMWSFMESARPSVFTASNGEGVERVAKGKGSYAFLMESTSIEYVTERNCELTQVGGMLDTKSYGIATPPNSPYRTAINSV
ILKLQEEGKLHILKTKWWKEKRGGGKCR
;
_entity_poly.pdbx_strand_id   A,B
#
# COMPACT_ATOMS: atom_id res chain seq x y z
N ALA A 3 20.60 -3.66 -19.83
CA ALA A 3 19.69 -2.53 -19.97
C ALA A 3 18.51 -2.92 -20.87
N ASN A 4 18.77 -3.03 -22.17
CA ASN A 4 17.76 -3.49 -23.10
C ASN A 4 17.30 -4.89 -22.71
N LEU A 5 16.00 -5.14 -22.80
CA LEU A 5 15.43 -6.44 -22.44
C LEU A 5 14.84 -7.20 -23.61
N LYS A 6 14.74 -6.59 -24.79
CA LYS A 6 14.11 -7.26 -25.92
C LYS A 6 14.93 -8.48 -26.32
N ASN A 7 14.24 -9.60 -26.54
CA ASN A 7 14.83 -10.85 -27.00
C ASN A 7 15.70 -11.54 -25.97
N LYS A 8 15.70 -11.07 -24.72
CA LYS A 8 16.47 -11.72 -23.67
C LYS A 8 15.64 -12.79 -22.99
N THR A 9 16.33 -13.72 -22.33
CA THR A 9 15.68 -14.78 -21.57
C THR A 9 16.13 -14.70 -20.12
N LEU A 10 15.17 -14.54 -19.22
CA LEU A 10 15.44 -14.36 -17.80
C LEU A 10 14.99 -15.59 -17.03
N VAL A 11 15.70 -15.90 -15.96
CA VAL A 11 15.27 -16.91 -15.01
C VAL A 11 14.50 -16.22 -13.89
N VAL A 12 13.27 -16.68 -13.66
CA VAL A 12 12.39 -16.12 -12.64
C VAL A 12 12.20 -17.17 -11.55
N THR A 13 12.61 -16.85 -10.32
CA THR A 13 12.35 -17.73 -9.20
C THR A 13 11.07 -17.31 -8.48
N THR A 14 10.36 -18.30 -7.96
CA THR A 14 9.12 -18.11 -7.22
C THR A 14 8.97 -19.25 -6.23
N ILE A 15 7.84 -19.27 -5.54
CA ILE A 15 7.56 -20.23 -4.48
C ILE A 15 6.07 -20.48 -4.49
N LEU A 16 5.65 -21.70 -4.22
CA LEU A 16 4.22 -21.98 -4.16
C LEU A 16 3.62 -21.27 -2.97
N SER A 17 2.57 -20.51 -3.22
CA SER A 17 1.87 -19.75 -2.20
C SER A 17 0.55 -19.33 -2.82
N ASN A 18 -0.56 -19.67 -2.22
CA ASN A 18 -1.88 -19.34 -2.78
C ASN A 18 -2.22 -17.88 -2.54
N PRO A 19 -2.68 -17.14 -3.57
CA PRO A 19 -2.89 -17.50 -4.97
C PRO A 19 -1.82 -16.90 -5.89
N TYR A 20 -0.63 -16.62 -5.35
CA TYR A 20 0.45 -16.02 -6.11
C TYR A 20 1.00 -16.98 -7.16
N CYS A 21 1.28 -18.20 -6.75
CA CYS A 21 1.84 -19.22 -7.64
C CYS A 21 1.33 -20.56 -7.16
N MET A 22 0.56 -21.24 -8.02
CA MET A 22 -0.11 -22.48 -7.70
C MET A 22 0.10 -23.45 -8.87
N ARG A 23 0.11 -24.74 -8.57
CA ARG A 23 0.15 -25.72 -9.63
C ARG A 23 -1.22 -25.75 -10.31
N LYS A 24 -1.22 -25.64 -11.64
CA LYS A 24 -2.44 -25.68 -12.44
C LYS A 24 -2.94 -27.11 -12.58
N GLU A 25 -4.25 -27.29 -12.45
CA GLU A 25 -4.87 -28.60 -12.64
C GLU A 25 -4.98 -28.95 -14.13
N SER A 26 -4.73 -30.20 -14.47
CA SER A 26 -4.75 -30.61 -15.88
C SER A 26 -4.80 -32.12 -16.01
N ALA A 27 -5.55 -32.60 -17.01
CA ALA A 27 -5.61 -34.03 -17.28
C ALA A 27 -4.32 -34.54 -17.88
N ILE A 28 -3.59 -33.66 -18.54
CA ILE A 28 -2.28 -34.02 -19.08
C ILE A 28 -1.23 -33.20 -18.35
N PRO A 29 -0.10 -33.80 -17.96
CA PRO A 29 0.91 -33.01 -17.27
C PRO A 29 1.36 -31.83 -18.12
N LEU A 30 1.44 -30.67 -17.48
CA LEU A 30 1.88 -29.45 -18.12
C LEU A 30 3.37 -29.25 -17.85
N SER A 31 4.04 -28.58 -18.77
CA SER A 31 5.47 -28.40 -18.70
C SER A 31 5.83 -26.92 -18.73
N GLY A 32 7.02 -26.61 -18.21
CA GLY A 32 7.52 -25.25 -18.25
C GLY A 32 6.60 -24.31 -17.51
N ASN A 33 6.47 -23.09 -18.04
CA ASN A 33 5.70 -22.07 -17.34
C ASN A 33 4.23 -22.46 -17.23
N ASP A 34 3.74 -23.30 -18.14
CA ASP A 34 2.33 -23.66 -18.17
C ASP A 34 1.93 -24.50 -16.97
N GLN A 35 2.87 -25.02 -16.20
CA GLN A 35 2.44 -25.79 -15.04
C GLN A 35 1.98 -24.92 -13.89
N PHE A 36 2.21 -23.61 -13.94
CA PHE A 36 1.89 -22.71 -12.85
C PHE A 36 0.82 -21.70 -13.26
N GLU A 37 0.06 -21.23 -12.28
CA GLU A 37 -0.88 -20.13 -12.50
C GLU A 37 -0.99 -19.33 -11.22
N GLY A 38 -1.51 -18.13 -11.35
CA GLY A 38 -1.80 -17.29 -10.21
C GLY A 38 -1.41 -15.85 -10.46
N TYR A 39 -1.53 -15.05 -9.41
CA TYR A 39 -1.31 -13.61 -9.51
C TYR A 39 0.10 -13.29 -10.01
N ALA A 40 1.12 -13.94 -9.42
CA ALA A 40 2.49 -13.66 -9.80
C ALA A 40 2.78 -14.12 -11.22
N VAL A 41 2.17 -15.23 -11.61
CA VAL A 41 2.35 -15.77 -12.95
C VAL A 41 1.75 -14.82 -13.99
N ASP A 42 0.54 -14.31 -13.72
CA ASP A 42 -0.05 -13.31 -14.61
C ASP A 42 0.80 -12.05 -14.65
N LEU A 43 1.30 -11.60 -13.49
CA LEU A 43 2.06 -10.36 -13.43
C LEU A 43 3.34 -10.43 -14.27
N ILE A 44 4.11 -11.51 -14.13
CA ILE A 44 5.35 -11.58 -14.89
C ILE A 44 5.06 -11.73 -16.38
N HIS A 45 3.98 -12.41 -16.75
CA HIS A 45 3.60 -12.47 -18.15
C HIS A 45 3.36 -11.06 -18.70
N GLU A 46 2.60 -10.23 -17.97
N GLU A 46 2.63 -10.24 -17.96
CA GLU A 46 2.32 -8.87 -18.40
CA GLU A 46 2.33 -8.88 -18.40
C GLU A 46 3.61 -8.06 -18.55
C GLU A 46 3.60 -8.06 -18.54
N ILE A 47 4.50 -8.15 -17.54
CA ILE A 47 5.73 -7.38 -17.60
C ILE A 47 6.59 -7.82 -18.77
N SER A 48 6.68 -9.14 -19.00
CA SER A 48 7.49 -9.66 -20.10
C SER A 48 6.98 -9.16 -21.45
N LYS A 49 5.65 -9.07 -21.61
CA LYS A 49 5.10 -8.55 -22.86
C LYS A 49 5.46 -7.10 -23.07
N SER A 50 5.42 -6.30 -22.00
N SER A 50 5.40 -6.29 -22.00
CA SER A 50 5.68 -4.87 -22.12
CA SER A 50 5.69 -4.87 -22.14
C SER A 50 7.15 -4.59 -22.45
C SER A 50 7.15 -4.64 -22.52
N LEU A 51 8.06 -5.38 -21.89
CA LEU A 51 9.48 -5.14 -22.08
C LEU A 51 10.15 -6.05 -23.10
N GLY A 52 9.44 -7.08 -23.59
CA GLY A 52 9.91 -7.90 -24.68
C GLY A 52 10.88 -9.01 -24.34
N PHE A 53 10.93 -9.48 -23.09
CA PHE A 53 11.82 -10.57 -22.72
C PHE A 53 11.05 -11.89 -22.61
N ASN A 54 11.80 -12.98 -22.71
CA ASN A 54 11.31 -14.31 -22.40
C ASN A 54 11.80 -14.72 -21.01
N TYR A 55 11.14 -15.71 -20.43
CA TYR A 55 11.54 -16.13 -19.10
C TYR A 55 11.10 -17.56 -18.83
N LYS A 56 11.76 -18.15 -17.85
CA LYS A 56 11.45 -19.49 -17.36
C LYS A 56 11.23 -19.37 -15.87
N ILE A 57 10.06 -19.80 -15.42
CA ILE A 57 9.72 -19.85 -13.99
C ILE A 57 10.29 -21.13 -13.39
N GLN A 58 10.96 -21.00 -12.25
CA GLN A 58 11.53 -22.13 -11.52
C GLN A 58 11.24 -21.94 -10.04
N LEU A 59 10.69 -22.97 -9.40
CA LEU A 59 10.47 -22.91 -7.95
C LEU A 59 11.81 -22.96 -7.22
N VAL A 60 11.95 -22.11 -6.21
CA VAL A 60 13.16 -22.05 -5.40
C VAL A 60 13.48 -23.44 -4.84
N PRO A 61 14.68 -23.98 -5.04
CA PRO A 61 14.90 -25.38 -4.63
C PRO A 61 14.71 -25.65 -3.14
N ASP A 62 15.12 -24.72 -2.27
CA ASP A 62 15.01 -24.97 -0.84
C ASP A 62 13.64 -24.61 -0.27
N GLY A 63 12.70 -24.19 -1.11
CA GLY A 63 11.35 -23.91 -0.66
C GLY A 63 11.23 -22.77 0.33
N SER A 64 12.18 -21.83 0.35
CA SER A 64 12.22 -20.77 1.34
C SER A 64 12.20 -19.40 0.68
N TYR A 65 11.69 -18.42 1.43
CA TYR A 65 11.63 -17.04 0.95
C TYR A 65 13.01 -16.40 0.98
N GLY A 66 13.65 -16.42 2.14
CA GLY A 66 14.96 -15.81 2.28
C GLY A 66 15.12 -15.18 3.63
N SER A 67 15.85 -15.87 4.50
N SER A 67 15.83 -15.86 4.51
CA SER A 67 16.15 -15.41 5.84
CA SER A 67 16.13 -15.38 5.85
C SER A 67 17.65 -15.25 5.98
C SER A 67 17.64 -15.28 6.01
N LEU A 68 18.05 -14.37 6.89
CA LEU A 68 19.46 -14.13 7.17
C LEU A 68 19.84 -14.83 8.48
N ASN A 69 20.77 -15.76 8.41
CA ASN A 69 21.37 -16.33 9.60
C ASN A 69 22.38 -15.31 10.14
N LYS A 70 22.07 -14.69 11.27
CA LYS A 70 22.91 -13.59 11.74
C LYS A 70 24.25 -14.09 12.25
N LEU A 71 24.30 -15.33 12.75
CA LEU A 71 25.57 -15.89 13.20
C LEU A 71 26.54 -16.04 12.03
N THR A 72 26.05 -16.54 10.90
CA THR A 72 26.93 -16.88 9.78
C THR A 72 26.95 -15.83 8.68
N GLY A 73 25.96 -14.93 8.65
CA GLY A 73 25.82 -13.98 7.57
C GLY A 73 25.20 -14.55 6.32
N GLU A 74 24.75 -15.80 6.32
CA GLU A 74 24.29 -16.44 5.10
C GLU A 74 22.80 -16.26 4.91
N TRP A 75 22.39 -15.96 3.67
CA TRP A 75 21.00 -15.97 3.22
C TRP A 75 20.65 -17.33 2.63
N ASN A 76 19.36 -17.63 2.61
CA ASN A 76 18.84 -18.82 1.94
C ASN A 76 17.72 -18.40 0.97
N GLY A 77 16.97 -19.34 0.43
CA GLY A 77 15.76 -19.03 -0.31
C GLY A 77 15.98 -18.29 -1.62
N MET A 78 14.94 -17.58 -2.01
CA MET A 78 14.95 -16.81 -3.26
C MET A 78 16.00 -15.71 -3.18
N ILE A 79 16.19 -15.12 -1.99
CA ILE A 79 17.23 -14.11 -1.83
C ILE A 79 18.58 -14.68 -2.23
N ARG A 80 18.90 -15.90 -1.77
N ARG A 80 18.95 -15.84 -1.66
CA ARG A 80 20.18 -16.50 -2.13
CA ARG A 80 20.25 -16.41 -1.95
C ARG A 80 20.28 -16.76 -3.63
C ARG A 80 20.39 -16.70 -3.43
N GLU A 81 19.17 -17.18 -4.26
N GLU A 81 19.31 -17.16 -4.07
CA GLU A 81 19.22 -17.44 -5.70
CA GLU A 81 19.33 -17.38 -5.51
C GLU A 81 19.59 -16.20 -6.49
C GLU A 81 19.83 -16.14 -6.24
N LEU A 82 19.15 -15.01 -6.03
CA LEU A 82 19.55 -13.76 -6.68
C LEU A 82 21.02 -13.45 -6.42
N LEU A 83 21.49 -13.65 -5.18
CA LEU A 83 22.88 -13.36 -4.84
C LEU A 83 23.86 -14.29 -5.52
N GLU A 84 23.46 -15.52 -5.80
CA GLU A 84 24.33 -16.48 -6.46
C GLU A 84 24.17 -16.44 -7.98
N GLN A 85 23.41 -15.48 -8.49
CA GLN A 85 23.22 -15.30 -9.92
C GLN A 85 22.54 -16.51 -10.59
N ARG A 86 21.68 -17.23 -9.86
CA ARG A 86 20.89 -18.32 -10.43
C ARG A 86 19.46 -17.92 -10.76
N ALA A 87 19.09 -16.68 -10.49
CA ALA A 87 17.86 -16.10 -11.01
C ALA A 87 18.08 -14.63 -11.27
N ASP A 88 17.38 -14.11 -12.28
CA ASP A 88 17.38 -12.69 -12.58
C ASP A 88 16.31 -11.90 -11.81
N LEU A 89 15.17 -12.53 -11.51
CA LEU A 89 14.08 -11.88 -10.79
C LEU A 89 13.48 -12.90 -9.85
N ALA A 90 13.00 -12.43 -8.69
CA ALA A 90 12.17 -13.24 -7.81
C ALA A 90 10.82 -12.57 -7.72
N ILE A 91 9.76 -13.33 -7.97
N ILE A 91 9.77 -13.28 -8.14
CA ILE A 91 8.41 -12.77 -8.11
CA ILE A 91 8.42 -12.73 -8.07
C ILE A 91 7.49 -13.65 -7.29
C ILE A 91 7.60 -13.68 -7.23
N ALA A 92 7.11 -13.18 -6.11
CA ALA A 92 6.42 -13.95 -5.12
C ALA A 92 5.81 -13.00 -4.10
N ASP A 93 5.12 -13.57 -3.12
CA ASP A 93 4.72 -12.81 -1.94
C ASP A 93 5.88 -12.61 -0.98
N LEU A 94 6.90 -11.90 -1.47
CA LEU A 94 8.18 -11.69 -0.80
C LEU A 94 8.21 -10.27 -0.22
N THR A 95 8.23 -10.19 1.11
CA THR A 95 8.10 -8.91 1.82
C THR A 95 9.37 -8.07 1.63
N ILE A 96 9.17 -6.81 1.28
CA ILE A 96 10.24 -5.83 1.27
C ILE A 96 10.56 -5.43 2.71
N THR A 97 11.75 -5.79 3.19
CA THR A 97 12.17 -5.44 4.54
C THR A 97 13.51 -4.73 4.48
N PHE A 98 13.77 -3.91 5.51
CA PHE A 98 15.06 -3.23 5.59
C PHE A 98 16.18 -4.25 5.52
N GLU A 99 16.04 -5.37 6.23
CA GLU A 99 17.07 -6.40 6.21
C GLU A 99 17.34 -6.91 4.79
N ARG A 100 16.29 -7.25 4.05
CA ARG A 100 16.48 -7.77 2.69
C ARG A 100 17.02 -6.69 1.75
N GLU A 101 16.64 -5.44 1.97
CA GLU A 101 17.10 -4.32 1.15
C GLU A 101 18.60 -4.08 1.29
N GLN A 102 19.25 -4.61 2.34
CA GLN A 102 20.69 -4.45 2.46
C GLN A 102 21.42 -5.48 1.61
N ALA A 103 20.71 -6.44 1.00
CA ALA A 103 21.35 -7.47 0.20
C ALA A 103 20.92 -7.49 -1.26
N VAL A 104 19.64 -7.22 -1.55
CA VAL A 104 19.12 -7.25 -2.91
C VAL A 104 18.40 -5.93 -3.18
N ASP A 105 18.01 -5.72 -4.43
CA ASP A 105 17.14 -4.61 -4.79
C ASP A 105 15.70 -5.09 -4.93
N PHE A 106 14.76 -4.19 -4.71
CA PHE A 106 13.35 -4.44 -5.00
C PHE A 106 12.82 -3.38 -5.96
N THR A 107 11.88 -3.79 -6.80
CA THR A 107 11.13 -2.88 -7.62
C THR A 107 10.12 -2.13 -6.78
N THR A 108 9.50 -1.14 -7.42
CA THR A 108 8.24 -0.57 -6.99
C THR A 108 7.34 -1.70 -6.52
N PRO A 109 6.64 -1.55 -5.40
CA PRO A 109 5.77 -2.64 -4.94
C PRO A 109 4.59 -2.88 -5.87
N PHE A 110 4.22 -4.14 -6.02
CA PHE A 110 2.99 -4.47 -6.71
C PHE A 110 1.82 -4.67 -5.77
N MET A 111 2.05 -4.81 -4.47
N MET A 111 2.05 -4.84 -4.46
CA MET A 111 0.96 -5.00 -3.53
CA MET A 111 1.01 -5.14 -3.49
C MET A 111 1.37 -4.43 -2.19
C MET A 111 1.37 -4.48 -2.16
N ASN A 112 0.42 -3.79 -1.53
CA ASN A 112 0.57 -3.24 -0.20
C ASN A 112 -0.36 -3.98 0.76
N LEU A 113 0.10 -4.18 1.99
CA LEU A 113 -0.63 -4.99 2.97
C LEU A 113 -0.18 -4.60 4.38
N GLY A 114 -0.63 -5.37 5.37
CA GLY A 114 -0.21 -5.15 6.73
C GLY A 114 -0.72 -6.29 7.59
N VAL A 115 -0.19 -6.40 8.79
CA VAL A 115 -0.66 -7.40 9.74
C VAL A 115 -2.06 -7.05 10.20
N SER A 116 -2.93 -8.06 10.31
CA SER A 116 -4.24 -7.87 10.91
C SER A 116 -4.61 -9.13 11.68
N ILE A 117 -5.85 -9.19 12.13
CA ILE A 117 -6.34 -10.26 13.02
C ILE A 117 -7.36 -11.11 12.28
N LEU A 118 -7.17 -12.43 12.31
CA LEU A 118 -8.16 -13.41 11.87
C LEU A 118 -8.85 -13.96 13.10
N TYR A 119 -10.19 -13.88 13.14
CA TYR A 119 -10.92 -14.34 14.31
C TYR A 119 -12.28 -14.85 13.86
N ARG A 120 -13.05 -15.37 14.80
N ARG A 120 -13.05 -15.33 14.83
CA ARG A 120 -14.39 -15.78 14.43
CA ARG A 120 -14.42 -15.73 14.60
C ARG A 120 -15.31 -14.57 14.42
C ARG A 120 -15.29 -14.49 14.39
N LYS A 121 -16.35 -14.66 13.60
CA LYS A 121 -17.24 -13.56 13.32
C LYS A 121 -18.17 -13.30 14.49
N GLY A 122 -18.44 -12.03 14.76
CA GLY A 122 -19.47 -11.64 15.70
C GLY A 122 -19.13 -11.73 17.18
N THR A 123 -18.00 -11.17 17.60
CA THR A 123 -17.69 -11.08 19.03
C THR A 123 -17.50 -9.62 19.41
N PRO A 124 -17.31 -9.32 20.70
CA PRO A 124 -17.00 -7.95 21.12
C PRO A 124 -15.58 -7.52 20.81
N ILE A 125 -14.69 -8.43 20.39
CA ILE A 125 -13.31 -8.05 20.08
C ILE A 125 -13.31 -7.23 18.80
N GLU A 126 -12.83 -5.99 18.88
CA GLU A 126 -12.87 -5.06 17.76
C GLU A 126 -11.51 -4.62 17.30
N SER A 127 -10.45 -4.91 18.05
CA SER A 127 -9.16 -4.34 17.75
C SER A 127 -8.08 -5.15 18.45
N ALA A 128 -6.84 -4.86 18.08
CA ALA A 128 -5.70 -5.45 18.77
C ALA A 128 -5.66 -4.99 20.21
N GLU A 129 -6.05 -3.73 20.47
CA GLU A 129 -6.08 -3.23 21.84
C GLU A 129 -7.00 -4.08 22.71
N ASP A 130 -8.15 -4.48 22.17
CA ASP A 130 -9.05 -5.38 22.89
C ASP A 130 -8.37 -6.70 23.24
N LEU A 131 -7.61 -7.29 22.31
CA LEU A 131 -6.89 -8.52 22.62
C LEU A 131 -5.82 -8.28 23.66
N ALA A 132 -5.08 -7.17 23.53
CA ALA A 132 -3.90 -6.95 24.36
C ALA A 132 -4.25 -6.77 25.84
N LYS A 133 -5.43 -6.24 26.15
CA LYS A 133 -5.77 -5.92 27.53
C LYS A 133 -6.45 -7.09 28.25
N GLN A 134 -6.57 -8.25 27.61
CA GLN A 134 -7.18 -9.41 28.22
C GLN A 134 -6.24 -10.60 28.09
N THR A 135 -6.56 -11.67 28.82
CA THR A 135 -5.72 -12.87 28.79
C THR A 135 -6.47 -14.17 28.51
N ARG A 136 -7.81 -14.17 28.44
CA ARG A 136 -8.56 -15.42 28.27
C ARG A 136 -8.42 -15.93 26.84
N ILE A 137 -8.60 -15.06 25.86
CA ILE A 137 -8.46 -15.39 24.45
C ILE A 137 -6.98 -15.36 24.11
N LYS A 138 -6.47 -16.47 23.61
CA LYS A 138 -5.07 -16.54 23.22
C LYS A 138 -4.93 -16.14 21.76
N TYR A 139 -3.75 -15.68 21.42
CA TYR A 139 -3.52 -15.19 20.08
C TYR A 139 -2.08 -15.47 19.72
N GLY A 140 -1.86 -15.82 18.45
CA GLY A 140 -0.54 -16.17 17.99
C GLY A 140 -0.28 -15.77 16.54
N ALA A 141 0.76 -16.36 15.98
CA ALA A 141 1.29 -16.02 14.67
C ALA A 141 2.15 -17.19 14.18
N LEU A 142 2.50 -17.12 12.90
CA LEU A 142 3.45 -18.05 12.30
C LEU A 142 4.81 -17.89 12.96
N LYS A 143 5.38 -18.99 13.45
CA LYS A 143 6.72 -18.93 14.06
C LYS A 143 7.76 -18.49 13.04
N GLY A 144 8.55 -17.49 13.38
CA GLY A 144 9.73 -17.13 12.62
C GLY A 144 9.47 -16.32 11.37
N GLY A 145 8.25 -15.85 11.15
CA GLY A 145 7.90 -15.10 9.97
C GLY A 145 7.87 -13.59 10.17
N SER A 146 7.35 -12.90 9.16
CA SER A 146 7.35 -11.44 9.20
C SER A 146 6.38 -10.89 10.24
N THR A 147 5.29 -11.60 10.52
CA THR A 147 4.37 -11.11 11.54
C THR A 147 5.01 -11.17 12.92
N ALA A 148 5.67 -12.28 13.24
CA ALA A 148 6.39 -12.39 14.49
C ALA A 148 7.49 -11.33 14.58
N ALA A 149 8.19 -11.06 13.48
CA ALA A 149 9.25 -10.04 13.49
C ALA A 149 8.67 -8.65 13.74
N PHE A 150 7.49 -8.38 13.21
CA PHE A 150 6.82 -7.12 13.49
C PHE A 150 6.57 -6.95 14.98
N PHE A 151 6.01 -7.99 15.63
CA PHE A 151 5.77 -7.90 17.06
C PHE A 151 7.07 -7.73 17.80
N ARG A 152 8.09 -8.48 17.42
CA ARG A 152 9.40 -8.41 18.07
C ARG A 152 10.03 -7.03 17.95
N ASP A 153 9.78 -6.33 16.85
CA ASP A 153 10.44 -5.06 16.56
C ASP A 153 9.60 -3.83 16.90
N SER A 154 8.37 -4.01 17.33
CA SER A 154 7.53 -2.87 17.65
C SER A 154 7.96 -2.24 18.97
N LYS A 155 7.96 -0.91 19.00
CA LYS A 155 8.14 -0.19 20.24
C LYS A 155 6.84 0.38 20.74
N ILE A 156 5.72 0.06 20.09
CA ILE A 156 4.41 0.51 20.54
C ILE A 156 3.97 -0.34 21.72
N SER A 157 3.53 0.32 22.79
CA SER A 157 3.18 -0.38 24.03
C SER A 157 2.24 -1.56 23.77
N THR A 158 1.17 -1.33 23.00
CA THR A 158 0.18 -2.38 22.78
C THR A 158 0.81 -3.63 22.19
N TYR A 159 1.63 -3.46 21.18
CA TYR A 159 2.16 -4.58 20.41
C TYR A 159 3.31 -5.21 21.17
N GLN A 160 4.06 -4.40 21.90
CA GLN A 160 5.10 -4.94 22.75
C GLN A 160 4.50 -5.77 23.88
N ARG A 161 3.38 -5.31 24.44
CA ARG A 161 2.65 -6.10 25.42
C ARG A 161 2.15 -7.42 24.83
N MET A 162 1.55 -7.36 23.64
CA MET A 162 1.10 -8.57 22.95
C MET A 162 2.27 -9.53 22.70
N TRP A 163 3.41 -8.99 22.28
CA TRP A 163 4.59 -9.82 22.02
C TRP A 163 5.02 -10.54 23.30
N SER A 164 5.09 -9.82 24.41
CA SER A 164 5.41 -10.45 25.69
C SER A 164 4.42 -11.57 26.02
N PHE A 165 3.12 -11.31 25.83
CA PHE A 165 2.10 -12.32 26.10
C PHE A 165 2.25 -13.54 25.21
N MET A 166 2.48 -13.34 23.91
CA MET A 166 2.64 -14.46 22.99
C MET A 166 3.85 -15.29 23.34
N GLU A 167 4.98 -14.64 23.63
CA GLU A 167 6.18 -15.38 23.97
C GLU A 167 6.02 -16.14 25.28
N SER A 168 5.16 -15.67 26.19
CA SER A 168 4.99 -16.30 27.50
C SER A 168 3.96 -17.42 27.49
N ALA A 169 3.10 -17.49 26.49
CA ALA A 169 1.96 -18.39 26.54
C ALA A 169 2.39 -19.85 26.43
N ARG A 170 1.80 -20.67 27.29
CA ARG A 170 1.98 -22.12 27.25
C ARG A 170 0.60 -22.76 27.32
N PRO A 171 0.28 -23.65 26.37
CA PRO A 171 1.09 -24.14 25.26
C PRO A 171 1.38 -23.07 24.19
N SER A 172 2.34 -23.35 23.31
CA SER A 172 2.77 -22.36 22.32
C SER A 172 1.59 -21.86 21.48
N VAL A 173 1.52 -20.54 21.30
CA VAL A 173 0.54 -19.93 20.41
C VAL A 173 1.06 -19.79 18.99
N PHE A 174 2.31 -20.13 18.74
CA PHE A 174 2.87 -19.99 17.41
C PHE A 174 2.57 -21.25 16.60
N THR A 175 2.57 -21.09 15.28
CA THR A 175 2.23 -22.17 14.37
C THR A 175 3.35 -22.39 13.35
N ALA A 176 3.34 -23.56 12.73
CA ALA A 176 4.31 -23.90 11.72
C ALA A 176 3.88 -23.49 10.32
N SER A 177 2.61 -23.14 10.13
CA SER A 177 2.11 -22.64 8.86
C SER A 177 0.91 -21.74 9.13
N ASN A 178 0.57 -20.91 8.14
CA ASN A 178 -0.64 -20.12 8.23
C ASN A 178 -1.88 -21.01 8.28
N GLY A 179 -1.89 -22.10 7.50
CA GLY A 179 -3.04 -22.98 7.50
C GLY A 179 -3.35 -23.56 8.87
N GLU A 180 -2.30 -23.87 9.65
CA GLU A 180 -2.51 -24.33 11.02
C GLU A 180 -3.14 -23.23 11.87
N GLY A 181 -2.71 -21.98 11.69
CA GLY A 181 -3.33 -20.88 12.41
C GLY A 181 -4.79 -20.71 12.06
N VAL A 182 -5.12 -20.79 10.77
CA VAL A 182 -6.50 -20.68 10.35
C VAL A 182 -7.35 -21.76 11.02
N GLU A 183 -6.85 -23.00 11.04
CA GLU A 183 -7.61 -24.09 11.63
C GLU A 183 -7.77 -23.89 13.14
N ARG A 184 -6.73 -23.37 13.81
CA ARG A 184 -6.83 -23.09 15.24
C ARG A 184 -7.89 -22.04 15.53
N VAL A 185 -8.03 -21.03 14.65
CA VAL A 185 -9.11 -20.06 14.83
C VAL A 185 -10.46 -20.74 14.63
N ALA A 186 -10.59 -21.50 13.53
CA ALA A 186 -11.87 -22.11 13.21
C ALA A 186 -12.33 -23.05 14.32
N LYS A 187 -11.45 -23.95 14.75
CA LYS A 187 -11.82 -24.93 15.77
C LYS A 187 -11.83 -24.32 17.16
N GLY A 188 -11.22 -23.15 17.32
CA GLY A 188 -11.13 -22.53 18.63
C GLY A 188 -12.40 -21.88 19.11
N LYS A 189 -13.36 -21.63 18.24
CA LYS A 189 -14.68 -21.11 18.61
C LYS A 189 -14.60 -19.82 19.44
N GLY A 190 -13.58 -19.00 19.19
CA GLY A 190 -13.37 -17.77 19.94
C GLY A 190 -12.22 -17.82 20.92
N SER A 191 -11.67 -18.98 21.21
CA SER A 191 -10.59 -19.09 22.18
C SER A 191 -9.25 -18.71 21.60
N TYR A 192 -9.14 -18.56 20.28
CA TYR A 192 -7.87 -18.28 19.62
C TYR A 192 -8.05 -17.31 18.45
N ALA A 193 -7.16 -16.33 18.36
CA ALA A 193 -7.08 -15.41 17.22
C ALA A 193 -5.71 -15.55 16.59
N PHE A 194 -5.63 -15.34 15.28
CA PHE A 194 -4.39 -15.53 14.54
C PHE A 194 -4.00 -14.22 13.84
N LEU A 195 -2.78 -13.78 14.09
N LEU A 195 -2.78 -13.79 14.07
CA LEU A 195 -2.25 -12.57 13.49
CA LEU A 195 -2.26 -12.57 13.46
C LEU A 195 -1.48 -12.96 12.24
C LEU A 195 -1.47 -12.96 12.23
N MET A 196 -1.82 -12.37 11.09
CA MET A 196 -1.13 -12.66 9.86
C MET A 196 -1.44 -11.55 8.84
N GLU A 197 -0.90 -11.72 7.65
CA GLU A 197 -1.04 -10.72 6.59
C GLU A 197 -2.49 -10.49 6.22
N SER A 198 -2.84 -9.21 6.03
CA SER A 198 -4.20 -8.84 5.62
C SER A 198 -4.60 -9.52 4.32
N THR A 199 -3.69 -9.65 3.37
CA THR A 199 -4.00 -10.30 2.11
C THR A 199 -4.34 -11.77 2.30
N SER A 200 -3.65 -12.46 3.21
CA SER A 200 -3.99 -13.84 3.49
C SER A 200 -5.32 -13.93 4.24
N ILE A 201 -5.58 -12.97 5.14
CA ILE A 201 -6.89 -12.94 5.81
C ILE A 201 -8.01 -12.75 4.80
N GLU A 202 -7.83 -11.85 3.83
CA GLU A 202 -8.85 -11.66 2.81
C GLU A 202 -9.08 -12.96 2.03
N TYR A 203 -8.00 -13.64 1.65
CA TYR A 203 -8.13 -14.88 0.89
C TYR A 203 -8.95 -15.90 1.67
N VAL A 204 -8.67 -16.04 2.96
CA VAL A 204 -9.34 -17.01 3.80
C VAL A 204 -10.80 -16.65 4.01
N THR A 205 -11.07 -15.39 4.34
CA THR A 205 -12.43 -15.03 4.67
C THR A 205 -13.35 -15.02 3.46
N GLU A 206 -12.79 -14.90 2.25
CA GLU A 206 -13.57 -15.11 1.04
C GLU A 206 -14.10 -16.54 0.92
N ARG A 207 -13.47 -17.48 1.63
CA ARG A 207 -13.71 -18.90 1.46
C ARG A 207 -14.23 -19.59 2.70
N ASN A 208 -14.16 -18.94 3.87
CA ASN A 208 -14.72 -19.47 5.10
C ASN A 208 -15.59 -18.38 5.72
N CYS A 209 -16.90 -18.57 5.64
CA CYS A 209 -17.82 -17.50 6.00
C CYS A 209 -17.97 -17.32 7.50
N GLU A 210 -17.44 -18.23 8.31
CA GLU A 210 -17.49 -18.09 9.76
C GLU A 210 -16.30 -17.34 10.35
N LEU A 211 -15.34 -16.94 9.52
CA LEU A 211 -14.19 -16.20 9.96
C LEU A 211 -14.26 -14.77 9.44
N THR A 212 -13.58 -13.87 10.15
CA THR A 212 -13.56 -12.49 9.72
C THR A 212 -12.23 -11.84 10.11
N GLN A 213 -11.93 -10.74 9.42
CA GLN A 213 -10.87 -9.86 9.86
C GLN A 213 -11.40 -8.95 10.94
N VAL A 214 -10.60 -8.76 11.99
CA VAL A 214 -10.93 -7.86 13.08
C VAL A 214 -10.00 -6.66 13.01
N GLY A 215 -10.59 -5.46 12.89
CA GLY A 215 -9.83 -4.24 12.87
C GLY A 215 -9.08 -4.07 11.57
N GLY A 216 -8.22 -3.06 11.57
CA GLY A 216 -7.44 -2.68 10.42
C GLY A 216 -6.06 -3.29 10.47
N MET A 217 -5.11 -2.60 9.84
CA MET A 217 -3.75 -3.07 9.76
C MET A 217 -2.95 -2.51 10.94
N LEU A 218 -2.05 -3.33 11.48
CA LEU A 218 -1.22 -2.94 12.61
C LEU A 218 0.11 -2.40 12.18
N ASP A 219 0.51 -2.69 10.95
CA ASP A 219 1.72 -2.16 10.32
C ASP A 219 1.45 -2.05 8.83
N THR A 220 2.48 -1.69 8.07
N THR A 220 2.49 -1.70 8.08
CA THR A 220 2.36 -1.65 6.63
CA THR A 220 2.40 -1.60 6.64
C THR A 220 3.62 -2.25 6.02
C THR A 220 3.63 -2.27 6.04
N LYS A 221 3.44 -3.01 4.96
CA LYS A 221 4.55 -3.58 4.23
C LYS A 221 4.06 -3.91 2.83
N SER A 222 5.02 -4.22 1.96
CA SER A 222 4.70 -4.42 0.55
C SER A 222 5.44 -5.63 0.00
N TYR A 223 4.91 -6.14 -1.11
CA TYR A 223 5.60 -7.12 -1.94
C TYR A 223 6.06 -6.43 -3.23
N GLY A 224 7.30 -6.69 -3.61
CA GLY A 224 7.85 -6.22 -4.85
C GLY A 224 8.70 -7.31 -5.45
N ILE A 225 9.08 -7.11 -6.71
CA ILE A 225 9.96 -8.04 -7.40
C ILE A 225 11.38 -7.78 -6.93
N ALA A 226 12.09 -8.83 -6.54
CA ALA A 226 13.47 -8.67 -6.08
C ALA A 226 14.40 -8.98 -7.25
N THR A 227 15.51 -8.27 -7.29
CA THR A 227 16.54 -8.42 -8.32
C THR A 227 17.89 -8.53 -7.65
N PRO A 228 18.90 -9.04 -8.35
CA PRO A 228 20.25 -8.89 -7.85
C PRO A 228 20.55 -7.41 -7.63
N PRO A 229 21.39 -7.09 -6.67
CA PRO A 229 21.71 -5.69 -6.45
C PRO A 229 22.33 -5.06 -7.70
N ASN A 230 21.92 -3.85 -7.99
CA ASN A 230 22.42 -3.10 -9.14
C ASN A 230 21.99 -3.72 -10.46
N SER A 231 20.87 -4.44 -10.48
CA SER A 231 20.39 -5.04 -11.71
C SER A 231 20.05 -3.95 -12.72
N PRO A 232 20.37 -4.15 -14.00
CA PRO A 232 20.06 -3.13 -15.02
C PRO A 232 18.61 -3.14 -15.47
N TYR A 233 17.79 -4.05 -14.95
CA TYR A 233 16.41 -4.17 -15.38
C TYR A 233 15.40 -3.54 -14.41
N ARG A 234 15.82 -3.18 -13.20
CA ARG A 234 14.91 -2.73 -12.16
C ARG A 234 14.12 -1.50 -12.58
N THR A 235 14.79 -0.48 -13.10
CA THR A 235 14.06 0.75 -13.40
C THR A 235 13.05 0.55 -14.52
N ALA A 236 13.36 -0.29 -15.52
CA ALA A 236 12.39 -0.55 -16.58
C ALA A 236 11.17 -1.27 -16.03
N ILE A 237 11.37 -2.21 -15.11
CA ILE A 237 10.23 -2.90 -14.50
C ILE A 237 9.41 -1.94 -13.64
N ASN A 238 10.08 -1.06 -12.89
CA ASN A 238 9.39 -0.06 -12.08
C ASN A 238 8.39 0.74 -12.90
N SER A 239 8.79 1.17 -14.09
CA SER A 239 7.89 1.97 -14.91
C SER A 239 6.66 1.16 -15.32
N VAL A 240 6.85 -0.12 -15.64
CA VAL A 240 5.70 -0.97 -16.01
C VAL A 240 4.76 -1.11 -14.83
N ILE A 241 5.31 -1.37 -13.64
CA ILE A 241 4.48 -1.52 -12.44
C ILE A 241 3.70 -0.24 -12.15
N LEU A 242 4.38 0.91 -12.21
CA LEU A 242 3.69 2.16 -11.95
C LEU A 242 2.51 2.36 -12.90
N LYS A 243 2.70 2.02 -14.17
CA LYS A 243 1.63 2.18 -15.16
C LYS A 243 0.48 1.22 -14.90
N LEU A 244 0.77 -0.02 -14.51
CA LEU A 244 -0.29 -0.95 -14.16
C LEU A 244 -1.06 -0.46 -12.95
N GLN A 245 -0.34 0.08 -11.96
CA GLN A 245 -0.96 0.64 -10.76
C GLN A 245 -1.89 1.80 -11.09
N GLU A 246 -1.42 2.76 -11.91
CA GLU A 246 -2.19 3.96 -12.20
C GLU A 246 -3.41 3.65 -13.09
N GLU A 247 -3.38 2.55 -13.81
CA GLU A 247 -4.53 2.11 -14.60
C GLU A 247 -5.49 1.20 -13.84
N GLY A 248 -5.16 0.78 -12.61
CA GLY A 248 -6.05 -0.10 -11.88
C GLY A 248 -5.93 -1.56 -12.26
N LYS A 249 -4.90 -1.94 -13.00
CA LYS A 249 -4.82 -3.30 -13.46
C LYS A 249 -4.38 -4.27 -12.37
N LEU A 250 -3.63 -3.81 -11.37
CA LEU A 250 -3.26 -4.70 -10.29
C LEU A 250 -4.43 -4.95 -9.36
N HIS A 251 -5.31 -3.98 -9.17
CA HIS A 251 -6.52 -4.22 -8.41
C HIS A 251 -7.40 -5.26 -9.10
N ILE A 252 -7.53 -5.17 -10.43
CA ILE A 252 -8.32 -6.14 -11.18
C ILE A 252 -7.70 -7.54 -11.06
N LEU A 253 -6.38 -7.61 -11.13
CA LEU A 253 -5.68 -8.87 -10.99
C LEU A 253 -5.90 -9.47 -9.60
N LYS A 254 -5.86 -8.63 -8.57
CA LYS A 254 -6.16 -9.11 -7.22
C LYS A 254 -7.59 -9.62 -7.12
N THR A 255 -8.55 -8.89 -7.69
CA THR A 255 -9.94 -9.36 -7.65
C THR A 255 -10.06 -10.74 -8.31
N LYS A 256 -9.40 -10.92 -9.46
CA LYS A 256 -9.44 -12.20 -10.15
C LYS A 256 -8.98 -13.33 -9.25
N TRP A 257 -7.82 -13.17 -8.61
CA TRP A 257 -7.23 -14.29 -7.90
C TRP A 257 -7.78 -14.45 -6.49
N TRP A 258 -8.29 -13.39 -5.88
CA TRP A 258 -8.87 -13.49 -4.56
C TRP A 258 -10.33 -13.88 -4.60
N LYS A 259 -11.11 -13.30 -5.52
CA LYS A 259 -12.55 -13.45 -5.50
C LYS A 259 -13.10 -14.36 -6.59
N GLU A 260 -12.47 -14.42 -7.76
CA GLU A 260 -13.03 -15.20 -8.86
C GLU A 260 -12.52 -16.64 -8.86
N LYS A 261 -11.21 -16.84 -8.84
CA LYS A 261 -10.63 -18.15 -9.01
C LYS A 261 -10.64 -18.93 -7.70
N ARG A 262 -10.63 -20.27 -7.77
CA ARG A 262 -10.50 -21.02 -6.51
C ARG A 262 -9.30 -21.97 -6.41
N GLY A 263 -8.22 -21.74 -7.17
CA GLY A 263 -7.01 -22.54 -6.99
C GLY A 263 -6.15 -22.82 -8.22
N LYS B 8 23.27 20.85 8.67
CA LYS B 8 22.90 21.74 7.57
C LYS B 8 21.46 22.20 7.76
N THR B 9 21.00 23.11 6.90
CA THR B 9 19.67 23.69 7.01
C THR B 9 18.96 23.56 5.67
N LEU B 10 17.85 22.83 5.64
CA LEU B 10 17.12 22.56 4.42
C LEU B 10 15.82 23.34 4.36
N VAL B 11 15.38 23.64 3.14
CA VAL B 11 14.07 24.23 2.92
C VAL B 11 13.12 23.12 2.51
N VAL B 12 12.00 23.03 3.20
CA VAL B 12 10.96 22.03 2.97
C VAL B 12 9.74 22.75 2.42
N THR B 13 9.33 22.39 1.22
CA THR B 13 8.11 22.94 0.66
C THR B 13 6.95 22.00 0.95
N THR B 14 5.79 22.57 1.26
CA THR B 14 4.59 21.81 1.55
C THR B 14 3.38 22.63 1.11
N ILE B 15 2.20 22.09 1.40
CA ILE B 15 0.93 22.72 1.01
C ILE B 15 -0.08 22.36 2.08
N LEU B 16 -1.01 23.27 2.34
CA LEU B 16 -2.05 23.01 3.32
C LEU B 16 -3.01 21.95 2.78
N SER B 17 -3.22 20.88 3.56
CA SER B 17 -4.11 19.79 3.20
C SER B 17 -4.37 19.00 4.46
N ASN B 18 -5.64 18.81 4.81
CA ASN B 18 -5.95 18.15 6.07
C ASN B 18 -5.78 16.64 5.95
N PRO B 19 -5.12 15.97 6.92
CA PRO B 19 -4.42 16.46 8.11
C PRO B 19 -2.90 16.43 7.94
N TYR B 20 -2.43 16.48 6.69
CA TYR B 20 -0.99 16.43 6.41
C TYR B 20 -0.27 17.68 6.90
N CYS B 21 -0.84 18.84 6.58
CA CYS B 21 -0.24 20.11 6.98
C CYS B 21 -1.38 21.11 7.15
N MET B 22 -1.54 21.61 8.36
CA MET B 22 -2.63 22.49 8.74
C MET B 22 -2.07 23.64 9.56
N ARG B 23 -2.73 24.80 9.53
CA ARG B 23 -2.33 25.86 10.43
C ARG B 23 -2.81 25.55 11.84
N LYS B 24 -1.91 25.64 12.80
CA LYS B 24 -2.27 25.37 14.18
C LYS B 24 -3.04 26.55 14.75
N GLU B 25 -4.09 26.24 15.51
CA GLU B 25 -4.87 27.27 16.17
C GLU B 25 -4.12 27.75 17.42
N SER B 26 -4.11 29.06 17.62
CA SER B 26 -3.35 29.64 18.73
C SER B 26 -3.80 31.07 19.01
N ALA B 27 -3.97 31.40 20.29
CA ALA B 27 -4.24 32.77 20.70
C ALA B 27 -3.03 33.67 20.50
N ILE B 28 -1.83 33.11 20.68
CA ILE B 28 -0.60 33.85 20.46
C ILE B 28 -0.18 33.59 19.01
N PRO B 29 0.16 34.61 18.22
CA PRO B 29 0.58 34.36 16.84
C PRO B 29 1.83 33.51 16.80
N LEU B 30 1.83 32.53 15.90
CA LEU B 30 2.92 31.59 15.74
C LEU B 30 3.83 31.99 14.58
N SER B 31 5.08 31.57 14.64
CA SER B 31 6.04 31.87 13.59
C SER B 31 6.87 30.64 13.26
N GLY B 32 7.53 30.69 12.11
CA GLY B 32 8.38 29.58 11.67
C GLY B 32 7.61 28.29 11.60
N ASN B 33 8.31 27.20 11.91
CA ASN B 33 7.70 25.87 11.80
C ASN B 33 6.53 25.68 12.73
N ASP B 34 6.46 26.45 13.82
CA ASP B 34 5.36 26.28 14.77
C ASP B 34 4.02 26.76 14.20
N GLN B 35 4.01 27.42 13.04
CA GLN B 35 2.76 27.77 12.38
C GLN B 35 1.95 26.54 12.03
N PHE B 36 2.62 25.41 11.82
CA PHE B 36 2.02 24.28 11.12
C PHE B 36 1.99 23.07 12.02
N GLU B 37 1.02 22.20 11.78
CA GLU B 37 0.95 20.91 12.45
C GLU B 37 0.34 19.91 11.49
N GLY B 38 0.53 18.64 11.77
CA GLY B 38 -0.06 17.59 10.98
C GLY B 38 0.88 16.44 10.76
N TYR B 39 0.39 15.45 10.02
CA TYR B 39 1.16 14.25 9.77
C TYR B 39 2.50 14.55 9.11
N ALA B 40 2.48 15.38 8.06
CA ALA B 40 3.72 15.65 7.33
C ALA B 40 4.68 16.46 8.17
N VAL B 41 4.15 17.35 9.00
CA VAL B 41 4.96 18.16 9.91
C VAL B 41 5.68 17.24 10.89
N ASP B 42 4.95 16.28 11.45
CA ASP B 42 5.58 15.35 12.38
C ASP B 42 6.61 14.47 11.66
N LEU B 43 6.28 14.05 10.45
CA LEU B 43 7.19 13.17 9.70
C LEU B 43 8.53 13.83 9.48
N ILE B 44 8.54 15.08 9.01
CA ILE B 44 9.84 15.70 8.77
C ILE B 44 10.58 15.98 10.08
N HIS B 45 9.87 16.28 11.15
CA HIS B 45 10.51 16.43 12.44
C HIS B 45 11.30 15.17 12.79
N GLU B 46 10.66 14.00 12.65
CA GLU B 46 11.36 12.76 12.99
C GLU B 46 12.53 12.49 12.05
N ILE B 47 12.34 12.70 10.75
CA ILE B 47 13.45 12.50 9.82
C ILE B 47 14.63 13.39 10.20
N SER B 48 14.35 14.66 10.52
CA SER B 48 15.44 15.59 10.83
C SER B 48 16.17 15.19 12.10
N LYS B 49 15.48 14.53 13.03
CA LYS B 49 16.13 14.07 14.24
C LYS B 49 17.13 12.96 13.93
N SER B 50 16.77 12.06 13.02
CA SER B 50 17.66 10.95 12.69
C SER B 50 18.89 11.45 11.95
N LEU B 51 18.72 12.37 11.01
CA LEU B 51 19.79 12.75 10.10
C LEU B 51 20.51 14.03 10.51
N GLY B 52 20.00 14.76 11.49
CA GLY B 52 20.74 15.86 12.10
C GLY B 52 20.73 17.16 11.34
N PHE B 53 19.71 17.43 10.53
CA PHE B 53 19.62 18.71 9.86
C PHE B 53 18.55 19.56 10.49
N ASN B 54 18.67 20.86 10.27
CA ASN B 54 17.62 21.81 10.57
C ASN B 54 16.86 22.14 9.28
N TYR B 55 15.66 22.67 9.42
CA TYR B 55 14.88 22.92 8.22
C TYR B 55 13.82 23.98 8.50
N LYS B 56 13.38 24.61 7.42
CA LYS B 56 12.35 25.64 7.45
C LYS B 56 11.21 25.17 6.56
N ILE B 57 10.01 25.07 7.12
CA ILE B 57 8.82 24.73 6.35
C ILE B 57 8.31 26.00 5.68
N GLN B 58 8.09 25.92 4.38
CA GLN B 58 7.55 27.04 3.62
C GLN B 58 6.43 26.52 2.75
N LEU B 59 5.24 27.12 2.86
CA LEU B 59 4.17 26.75 1.94
C LEU B 59 4.54 27.16 0.53
N VAL B 60 4.22 26.30 -0.44
CA VAL B 60 4.49 26.60 -1.84
C VAL B 60 3.76 27.88 -2.22
N PRO B 61 4.45 28.91 -2.71
CA PRO B 61 3.76 30.20 -2.86
C PRO B 61 2.58 30.17 -3.80
N ASP B 62 2.62 29.39 -4.88
CA ASP B 62 1.51 29.36 -5.84
C ASP B 62 0.38 28.41 -5.46
N GLY B 63 0.47 27.71 -4.33
CA GLY B 63 -0.64 26.89 -3.89
C GLY B 63 -0.95 25.70 -4.76
N SER B 64 0.03 25.19 -5.52
CA SER B 64 -0.20 24.05 -6.38
C SER B 64 0.74 22.90 -6.03
N TYR B 65 0.27 21.69 -6.30
CA TYR B 65 1.09 20.51 -6.06
C TYR B 65 2.23 20.42 -7.06
N GLY B 66 1.94 20.60 -8.34
CA GLY B 66 2.93 20.51 -9.39
C GLY B 66 2.38 19.79 -10.59
N SER B 67 2.07 20.56 -11.62
CA SER B 67 1.62 20.02 -12.88
C SER B 67 2.53 20.53 -14.00
N LEU B 68 2.55 19.77 -15.08
CA LEU B 68 3.44 20.00 -16.20
C LEU B 68 2.68 20.72 -17.32
N ASN B 69 3.19 21.87 -17.72
CA ASN B 69 2.62 22.56 -18.89
C ASN B 69 3.12 21.82 -20.13
N LYS B 70 2.20 21.12 -20.81
CA LYS B 70 2.59 20.17 -21.86
C LYS B 70 3.02 20.85 -23.16
N LEU B 71 2.71 22.13 -23.33
CA LEU B 71 3.18 22.87 -24.49
C LEU B 71 4.27 23.87 -24.15
N THR B 72 4.54 24.09 -22.86
CA THR B 72 5.62 24.96 -22.43
C THR B 72 6.77 24.20 -21.76
N GLY B 73 6.51 23.01 -21.23
CA GLY B 73 7.51 22.23 -20.54
C GLY B 73 7.80 22.68 -19.11
N GLU B 74 7.15 23.73 -18.64
CA GLU B 74 7.43 24.28 -17.32
C GLU B 74 6.54 23.62 -16.27
N TRP B 75 7.12 23.36 -15.10
CA TRP B 75 6.39 22.91 -13.94
C TRP B 75 5.99 24.10 -13.06
N ASN B 76 4.98 23.87 -12.24
CA ASN B 76 4.61 24.82 -11.21
C ASN B 76 4.65 24.10 -9.87
N GLY B 77 4.17 24.77 -8.83
CA GLY B 77 3.95 24.13 -7.55
C GLY B 77 5.22 23.67 -6.84
N MET B 78 5.04 22.68 -5.97
CA MET B 78 6.17 22.18 -5.21
C MET B 78 7.25 21.60 -6.11
N ILE B 79 6.85 20.98 -7.22
CA ILE B 79 7.85 20.43 -8.15
C ILE B 79 8.77 21.55 -8.64
N ARG B 80 8.19 22.69 -9.03
CA ARG B 80 9.01 23.80 -9.52
C ARG B 80 9.97 24.32 -8.45
N GLU B 81 9.53 24.38 -7.19
CA GLU B 81 10.42 24.81 -6.12
C GLU B 81 11.67 23.92 -6.05
N LEU B 82 11.50 22.61 -6.21
CA LEU B 82 12.63 21.69 -6.21
C LEU B 82 13.55 21.96 -7.39
N LEU B 83 12.97 22.10 -8.58
CA LEU B 83 13.76 22.26 -9.78
C LEU B 83 14.42 23.63 -9.89
N GLU B 84 13.99 24.62 -9.11
CA GLU B 84 14.60 25.94 -9.13
C GLU B 84 15.47 26.21 -7.90
N GLN B 85 15.82 25.16 -7.15
CA GLN B 85 16.74 25.29 -6.02
C GLN B 85 16.20 26.19 -4.93
N ARG B 86 14.87 26.23 -4.74
CA ARG B 86 14.28 26.95 -3.63
C ARG B 86 13.75 26.03 -2.56
N ALA B 87 13.76 24.72 -2.78
CA ALA B 87 13.43 23.73 -1.76
C ALA B 87 14.32 22.53 -1.95
N ASP B 88 14.74 21.93 -0.84
CA ASP B 88 15.48 20.68 -0.86
C ASP B 88 14.58 19.46 -0.85
N LEU B 89 13.40 19.57 -0.24
CA LEU B 89 12.47 18.46 -0.10
C LEU B 89 11.06 19.00 -0.21
N ALA B 90 10.17 18.22 -0.82
CA ALA B 90 8.73 18.50 -0.84
C ALA B 90 8.08 17.39 -0.03
N ILE B 91 7.34 17.78 1.01
N ILE B 91 7.38 17.78 1.03
CA ILE B 91 6.75 16.83 1.95
CA ILE B 91 6.74 16.83 1.93
C ILE B 91 5.28 17.17 2.13
C ILE B 91 5.28 17.24 2.02
N ALA B 92 4.41 16.38 1.51
CA ALA B 92 2.99 16.70 1.40
C ALA B 92 2.29 15.45 0.94
N ASP B 93 0.97 15.56 0.78
CA ASP B 93 0.20 14.49 0.14
C ASP B 93 0.35 14.59 -1.38
N LEU B 94 1.61 14.41 -1.81
CA LEU B 94 2.03 14.57 -3.20
C LEU B 94 2.13 13.17 -3.84
N THR B 95 1.27 12.91 -4.82
CA THR B 95 1.18 11.60 -5.44
C THR B 95 2.42 11.30 -6.29
N ILE B 96 3.02 10.13 -6.08
CA ILE B 96 4.08 9.62 -6.94
C ILE B 96 3.45 9.16 -8.25
N THR B 97 3.79 9.83 -9.33
CA THR B 97 3.29 9.45 -10.65
C THR B 97 4.45 9.27 -11.60
N PHE B 98 4.28 8.37 -12.58
CA PHE B 98 5.30 8.20 -13.60
C PHE B 98 5.73 9.55 -14.18
N GLU B 99 4.79 10.45 -14.43
CA GLU B 99 5.11 11.76 -15.00
C GLU B 99 6.00 12.61 -14.09
N ARG B 100 5.65 12.72 -12.80
CA ARG B 100 6.50 13.49 -11.89
C ARG B 100 7.87 12.84 -11.74
N GLU B 101 7.92 11.51 -11.76
CA GLU B 101 9.17 10.79 -11.68
C GLU B 101 10.10 11.12 -12.84
N GLN B 102 9.60 11.70 -13.93
CA GLN B 102 10.51 12.08 -15.02
C GLN B 102 11.19 13.41 -14.78
N ALA B 103 10.86 14.11 -13.70
CA ALA B 103 11.45 15.40 -13.41
C ALA B 103 12.08 15.49 -12.03
N VAL B 104 11.56 14.75 -11.05
CA VAL B 104 12.08 14.74 -9.69
C VAL B 104 12.25 13.30 -9.23
N ASP B 105 12.98 13.12 -8.13
CA ASP B 105 13.08 11.85 -7.46
C ASP B 105 12.08 11.78 -6.32
N PHE B 106 11.66 10.57 -5.97
CA PHE B 106 10.82 10.32 -4.82
C PHE B 106 11.46 9.31 -3.89
N THR B 107 11.25 9.53 -2.59
CA THR B 107 11.64 8.56 -1.60
C THR B 107 10.69 7.37 -1.62
N THR B 108 11.09 6.34 -0.91
CA THR B 108 10.18 5.31 -0.43
C THR B 108 8.87 5.97 0.02
N PRO B 109 7.71 5.43 -0.34
CA PRO B 109 6.44 6.01 0.12
C PRO B 109 6.32 6.01 1.64
N PHE B 110 5.62 7.01 2.16
CA PHE B 110 5.22 7.00 3.56
C PHE B 110 3.76 6.68 3.77
N MET B 111 2.94 6.68 2.70
CA MET B 111 1.53 6.34 2.82
C MET B 111 1.05 5.76 1.49
N ASN B 112 0.21 4.76 1.58
CA ASN B 112 -0.40 4.15 0.40
C ASN B 112 -1.88 4.46 0.39
N LEU B 113 -2.48 4.45 -0.80
CA LEU B 113 -3.88 4.85 -0.97
C LEU B 113 -4.37 4.40 -2.34
N GLY B 114 -5.63 4.74 -2.65
CA GLY B 114 -6.18 4.53 -3.99
C GLY B 114 -7.59 5.09 -4.05
N VAL B 115 -8.09 5.24 -5.28
CA VAL B 115 -9.46 5.70 -5.50
C VAL B 115 -10.41 4.71 -4.84
N SER B 116 -11.38 5.23 -4.10
CA SER B 116 -12.44 4.40 -3.54
C SER B 116 -13.74 5.21 -3.51
N ILE B 117 -14.75 4.65 -2.85
CA ILE B 117 -16.11 5.16 -2.89
C ILE B 117 -16.53 5.56 -1.48
N LEU B 118 -17.06 6.77 -1.35
CA LEU B 118 -17.70 7.25 -0.13
C LEU B 118 -19.22 7.18 -0.29
N TYR B 119 -19.88 6.50 0.64
CA TYR B 119 -21.33 6.32 0.52
C TYR B 119 -21.93 6.23 1.92
N ARG B 120 -23.26 6.19 1.96
CA ARG B 120 -23.94 5.96 3.24
C ARG B 120 -23.70 4.54 3.72
N LYS B 121 -23.73 4.37 5.03
CA LYS B 121 -23.55 3.06 5.63
C LYS B 121 -24.81 2.21 5.43
N GLY B 122 -24.62 0.90 5.42
CA GLY B 122 -25.73 -0.03 5.50
C GLY B 122 -26.63 -0.12 4.28
N THR B 123 -26.04 -0.48 3.13
CA THR B 123 -26.81 -0.86 1.95
C THR B 123 -26.08 -2.02 1.28
N PRO B 124 -26.69 -2.66 0.28
CA PRO B 124 -26.01 -3.75 -0.43
C PRO B 124 -25.03 -3.31 -1.50
N ILE B 125 -24.73 -2.02 -1.61
CA ILE B 125 -23.71 -1.55 -2.55
C ILE B 125 -22.35 -1.89 -1.96
N GLU B 126 -21.61 -2.77 -2.63
CA GLU B 126 -20.37 -3.30 -2.10
C GLU B 126 -19.15 -2.98 -2.95
N SER B 127 -19.32 -2.44 -4.15
CA SER B 127 -18.21 -2.30 -5.08
C SER B 127 -18.58 -1.30 -6.16
N ALA B 128 -17.56 -0.86 -6.90
CA ALA B 128 -17.79 -0.05 -8.10
C ALA B 128 -18.67 -0.81 -9.09
N GLU B 129 -18.48 -2.12 -9.18
CA GLU B 129 -19.25 -2.91 -10.14
C GLU B 129 -20.73 -2.81 -9.84
N ASP B 130 -21.09 -2.82 -8.56
CA ASP B 130 -22.48 -2.62 -8.17
C ASP B 130 -23.01 -1.25 -8.62
N LEU B 131 -22.17 -0.21 -8.67
CA LEU B 131 -22.63 1.10 -9.14
C LEU B 131 -22.80 1.13 -10.65
N ALA B 132 -21.89 0.50 -11.39
CA ALA B 132 -21.92 0.50 -12.85
C ALA B 132 -23.05 -0.36 -13.42
N LYS B 133 -23.60 -1.27 -12.63
CA LYS B 133 -24.69 -2.15 -13.09
C LYS B 133 -26.06 -1.54 -12.84
N GLN B 134 -26.11 -0.31 -12.33
CA GLN B 134 -27.35 0.30 -11.90
C GLN B 134 -27.35 1.74 -12.40
N THR B 135 -28.51 2.42 -12.29
CA THR B 135 -28.61 3.78 -12.79
C THR B 135 -29.30 4.75 -11.85
N ARG B 136 -29.89 4.30 -10.75
CA ARG B 136 -30.65 5.20 -9.90
C ARG B 136 -29.74 6.06 -9.03
N ILE B 137 -28.73 5.46 -8.44
CA ILE B 137 -27.73 6.17 -7.63
C ILE B 137 -26.76 6.86 -8.57
N LYS B 138 -26.60 8.16 -8.38
CA LYS B 138 -25.62 8.95 -9.12
C LYS B 138 -24.30 8.96 -8.36
N TYR B 139 -23.22 9.11 -9.11
CA TYR B 139 -21.90 9.13 -8.50
C TYR B 139 -21.02 10.08 -9.29
N GLY B 140 -20.13 10.74 -8.57
CA GLY B 140 -19.26 11.73 -9.16
C GLY B 140 -17.91 11.80 -8.50
N ALA B 141 -17.22 12.90 -8.77
CA ALA B 141 -15.84 13.09 -8.36
C ALA B 141 -15.53 14.57 -8.46
N LEU B 142 -14.37 14.96 -7.93
CA LEU B 142 -13.90 16.34 -8.02
C LEU B 142 -13.63 16.71 -9.47
N LYS B 143 -14.21 17.83 -9.90
CA LYS B 143 -13.95 18.36 -11.22
C LYS B 143 -12.46 18.63 -11.42
N GLY B 144 -11.88 18.09 -12.49
CA GLY B 144 -10.50 18.34 -12.88
C GLY B 144 -9.44 17.63 -12.08
N GLY B 145 -9.82 16.70 -11.20
CA GLY B 145 -8.87 16.02 -10.34
C GLY B 145 -8.42 14.66 -10.90
N SER B 146 -7.53 14.02 -10.15
CA SER B 146 -6.94 12.77 -10.62
C SER B 146 -7.92 11.60 -10.55
N THR B 147 -8.92 11.66 -9.68
CA THR B 147 -9.94 10.63 -9.66
C THR B 147 -10.75 10.65 -10.95
N ALA B 148 -11.25 11.82 -11.33
CA ALA B 148 -11.95 11.96 -12.61
C ALA B 148 -11.07 11.51 -13.77
N ALA B 149 -9.78 11.87 -13.73
CA ALA B 149 -8.86 11.50 -14.81
C ALA B 149 -8.70 9.99 -14.91
N PHE B 150 -8.69 9.29 -13.76
CA PHE B 150 -8.62 7.84 -13.81
C PHE B 150 -9.74 7.27 -14.65
N PHE B 151 -10.96 7.77 -14.46
CA PHE B 151 -12.10 7.26 -15.24
C PHE B 151 -12.05 7.75 -16.69
N ARG B 152 -11.76 9.04 -16.89
N ARG B 152 -11.78 9.05 -16.89
CA ARG B 152 -11.74 9.61 -18.24
CA ARG B 152 -11.74 9.61 -18.25
C ARG B 152 -10.72 8.92 -19.12
C ARG B 152 -10.73 8.86 -19.12
N ASP B 153 -9.57 8.55 -18.54
CA ASP B 153 -8.45 7.99 -19.28
C ASP B 153 -8.52 6.49 -19.46
N SER B 154 -9.42 5.82 -18.77
CA SER B 154 -9.40 4.37 -18.76
C SER B 154 -9.85 3.80 -20.09
N LYS B 155 -9.20 2.71 -20.49
CA LYS B 155 -9.61 1.92 -21.63
C LYS B 155 -10.22 0.61 -21.21
N ILE B 156 -10.45 0.44 -19.92
CA ILE B 156 -11.07 -0.75 -19.36
C ILE B 156 -12.58 -0.56 -19.44
N SER B 157 -13.28 -1.57 -19.97
CA SER B 157 -14.70 -1.43 -20.29
C SER B 157 -15.52 -0.98 -19.08
N THR B 158 -15.26 -1.55 -17.90
CA THR B 158 -16.03 -1.19 -16.71
C THR B 158 -15.96 0.31 -16.44
N TYR B 159 -14.75 0.86 -16.49
CA TYR B 159 -14.56 2.25 -16.12
C TYR B 159 -14.97 3.18 -17.26
N GLN B 160 -14.91 2.73 -18.51
CA GLN B 160 -15.47 3.49 -19.63
C GLN B 160 -16.98 3.67 -19.47
N ARG B 161 -17.68 2.59 -19.12
N ARG B 161 -17.68 2.59 -19.12
CA ARG B 161 -19.13 2.67 -18.95
CA ARG B 161 -19.13 2.66 -18.94
C ARG B 161 -19.48 3.64 -17.83
C ARG B 161 -19.47 3.64 -17.83
N MET B 162 -18.71 3.59 -16.73
CA MET B 162 -18.91 4.53 -15.63
C MET B 162 -18.66 5.95 -16.08
N TRP B 163 -17.57 6.17 -16.81
CA TRP B 163 -17.28 7.54 -17.25
C TRP B 163 -18.39 8.07 -18.15
N SER B 164 -18.89 7.23 -19.08
CA SER B 164 -20.00 7.65 -19.95
C SER B 164 -21.23 8.03 -19.13
N PHE B 165 -21.53 7.24 -18.10
CA PHE B 165 -22.65 7.53 -17.21
C PHE B 165 -22.42 8.83 -16.45
N MET B 166 -21.21 9.05 -15.94
N MET B 166 -21.23 9.05 -15.92
CA MET B 166 -20.89 10.26 -15.16
CA MET B 166 -20.96 10.27 -15.16
C MET B 166 -20.95 11.50 -16.02
C MET B 166 -21.04 11.49 -16.07
N GLU B 167 -20.33 11.44 -17.19
CA GLU B 167 -20.33 12.59 -18.08
C GLU B 167 -21.73 12.95 -18.54
N SER B 168 -22.62 11.96 -18.71
CA SER B 168 -23.94 12.23 -19.26
C SER B 168 -24.97 12.59 -18.22
N ALA B 169 -24.69 12.45 -16.94
CA ALA B 169 -25.67 12.73 -15.89
C ALA B 169 -25.96 14.22 -15.82
N ARG B 170 -27.21 14.55 -15.56
CA ARG B 170 -27.62 15.93 -15.33
C ARG B 170 -28.60 15.93 -14.14
N PRO B 171 -28.42 16.82 -13.16
CA PRO B 171 -27.36 17.85 -13.08
C PRO B 171 -25.99 17.24 -12.88
N SER B 172 -24.96 18.05 -13.13
CA SER B 172 -23.59 17.58 -13.08
C SER B 172 -23.30 16.85 -11.77
N VAL B 173 -22.57 15.73 -11.89
CA VAL B 173 -22.14 15.00 -10.71
C VAL B 173 -20.76 15.42 -10.23
N PHE B 174 -20.11 16.35 -10.91
CA PHE B 174 -18.74 16.76 -10.56
C PHE B 174 -18.81 17.95 -9.63
N THR B 175 -17.95 17.97 -8.62
CA THR B 175 -17.95 19.02 -7.61
C THR B 175 -16.72 19.92 -7.75
N ALA B 176 -16.83 21.11 -7.16
CA ALA B 176 -15.72 22.05 -7.19
C ALA B 176 -14.69 21.76 -6.10
N SER B 177 -15.06 21.01 -5.06
CA SER B 177 -14.15 20.63 -3.99
C SER B 177 -14.52 19.23 -3.50
N ASN B 178 -13.57 18.59 -2.82
CA ASN B 178 -13.87 17.32 -2.16
C ASN B 178 -14.91 17.48 -1.06
N GLY B 179 -14.80 18.55 -0.27
CA GLY B 179 -15.75 18.78 0.80
C GLY B 179 -17.18 18.87 0.28
N GLU B 180 -17.35 19.48 -0.90
CA GLU B 180 -18.68 19.58 -1.50
C GLU B 180 -19.21 18.19 -1.84
N GLY B 181 -18.35 17.30 -2.33
CA GLY B 181 -18.78 15.95 -2.62
C GLY B 181 -19.15 15.18 -1.37
N VAL B 182 -18.36 15.36 -0.30
CA VAL B 182 -18.66 14.73 0.98
C VAL B 182 -20.03 15.16 1.48
N GLU B 183 -20.31 16.47 1.43
CA GLU B 183 -21.59 16.97 1.92
C GLU B 183 -22.74 16.46 1.06
N ARG B 184 -22.50 16.34 -0.25
CA ARG B 184 -23.55 15.86 -1.15
C ARG B 184 -23.91 14.40 -0.84
N VAL B 185 -22.92 13.58 -0.49
CA VAL B 185 -23.21 12.23 0.02
C VAL B 185 -23.97 12.32 1.33
N ALA B 186 -23.47 13.11 2.27
CA ALA B 186 -24.02 13.10 3.62
C ALA B 186 -25.47 13.54 3.63
N LYS B 187 -25.86 14.45 2.75
CA LYS B 187 -27.23 14.96 2.71
C LYS B 187 -28.10 14.27 1.66
N GLY B 188 -27.58 13.27 0.96
CA GLY B 188 -28.28 12.71 -0.18
C GLY B 188 -29.20 11.54 0.06
N LYS B 189 -29.25 11.01 1.29
CA LYS B 189 -30.09 9.84 1.57
C LYS B 189 -29.84 8.69 0.59
N GLY B 190 -28.58 8.47 0.26
CA GLY B 190 -28.23 7.38 -0.64
C GLY B 190 -28.40 7.67 -2.10
N SER B 191 -28.79 8.89 -2.47
CA SER B 191 -28.98 9.22 -3.87
C SER B 191 -27.65 9.53 -4.56
N TYR B 192 -26.56 9.70 -3.79
CA TYR B 192 -25.28 10.12 -4.37
C TYR B 192 -24.11 9.46 -3.63
N ALA B 193 -23.13 9.00 -4.40
CA ALA B 193 -21.86 8.48 -3.90
C ALA B 193 -20.74 9.30 -4.52
N PHE B 194 -19.60 9.36 -3.83
CA PHE B 194 -18.48 10.22 -4.25
C PHE B 194 -17.21 9.39 -4.30
N LEU B 195 -16.51 9.48 -5.42
CA LEU B 195 -15.25 8.79 -5.61
C LEU B 195 -14.12 9.74 -5.27
N MET B 196 -13.20 9.30 -4.42
CA MET B 196 -12.03 10.11 -4.09
C MET B 196 -10.99 9.22 -3.39
N GLU B 197 -9.90 9.82 -2.92
CA GLU B 197 -8.80 9.06 -2.31
C GLU B 197 -9.26 8.35 -1.05
N SER B 198 -8.81 7.12 -0.88
CA SER B 198 -9.19 6.31 0.28
C SER B 198 -8.73 6.96 1.59
N THR B 199 -7.59 7.65 1.61
CA THR B 199 -7.12 8.28 2.86
C THR B 199 -8.07 9.40 3.28
N SER B 200 -8.61 10.13 2.31
CA SER B 200 -9.59 11.18 2.60
C SER B 200 -10.89 10.56 3.08
N ILE B 201 -11.29 9.44 2.48
CA ILE B 201 -12.50 8.74 2.92
C ILE B 201 -12.35 8.31 4.38
N GLU B 202 -11.19 7.77 4.75
CA GLU B 202 -10.99 7.37 6.14
C GLU B 202 -11.06 8.58 7.07
N TYR B 203 -10.52 9.71 6.65
CA TYR B 203 -10.59 10.92 7.47
C TYR B 203 -12.03 11.33 7.71
N VAL B 204 -12.86 11.26 6.66
CA VAL B 204 -14.26 11.62 6.75
C VAL B 204 -15.03 10.63 7.63
N THR B 205 -14.83 9.33 7.39
CA THR B 205 -15.62 8.33 8.11
C THR B 205 -15.25 8.25 9.59
N GLU B 206 -14.05 8.71 9.95
CA GLU B 206 -13.68 8.84 11.36
C GLU B 206 -14.46 9.94 12.05
N ARG B 207 -15.09 10.83 11.27
CA ARG B 207 -15.74 12.02 11.80
C ARG B 207 -17.22 12.11 11.46
N ASN B 208 -17.75 11.22 10.60
CA ASN B 208 -19.17 11.16 10.28
C ASN B 208 -19.59 9.68 10.34
N CYS B 209 -20.26 9.31 11.43
CA CYS B 209 -20.58 7.91 11.68
C CYS B 209 -21.58 7.34 10.70
N GLU B 210 -22.26 8.18 9.93
CA GLU B 210 -23.23 7.69 8.97
C GLU B 210 -22.62 7.28 7.64
N LEU B 211 -21.33 7.52 7.41
CA LEU B 211 -20.71 7.24 6.13
C LEU B 211 -19.70 6.10 6.25
N THR B 212 -19.39 5.49 5.11
CA THR B 212 -18.44 4.37 5.06
C THR B 212 -17.75 4.36 3.70
N GLN B 213 -16.59 3.71 3.65
CA GLN B 213 -15.97 3.36 2.38
C GLN B 213 -16.66 2.14 1.80
N VAL B 214 -16.85 2.14 0.48
CA VAL B 214 -17.42 1.02 -0.25
C VAL B 214 -16.36 0.45 -1.18
N GLY B 215 -16.13 -0.85 -1.07
CA GLY B 215 -15.18 -1.51 -1.93
C GLY B 215 -13.75 -1.20 -1.57
N GLY B 216 -12.87 -1.67 -2.44
CA GLY B 216 -11.43 -1.53 -2.25
C GLY B 216 -10.88 -0.30 -2.94
N MET B 217 -9.60 -0.36 -3.25
CA MET B 217 -8.88 0.72 -3.91
C MET B 217 -8.74 0.37 -5.40
N LEU B 218 -9.48 1.10 -6.23
CA LEU B 218 -9.54 0.83 -7.66
C LEU B 218 -8.22 1.08 -8.36
N ASP B 219 -7.37 1.92 -7.81
CA ASP B 219 -6.00 2.03 -8.27
C ASP B 219 -5.12 1.95 -7.03
N THR B 220 -3.82 1.92 -7.27
CA THR B 220 -2.87 1.90 -6.19
C THR B 220 -1.91 3.04 -6.45
N LYS B 221 -1.59 3.76 -5.39
CA LYS B 221 -0.59 4.81 -5.49
C LYS B 221 -0.20 5.23 -4.08
N SER B 222 0.78 6.12 -4.03
CA SER B 222 1.45 6.41 -2.78
C SER B 222 1.82 7.88 -2.76
N TYR B 223 1.99 8.37 -1.55
CA TYR B 223 2.62 9.65 -1.26
C TYR B 223 4.04 9.40 -0.79
N GLY B 224 4.99 10.18 -1.34
CA GLY B 224 6.37 10.11 -0.92
C GLY B 224 6.96 11.50 -0.93
N ILE B 225 8.13 11.63 -0.33
CA ILE B 225 8.88 12.88 -0.33
C ILE B 225 9.56 13.04 -1.67
N ALA B 226 9.47 14.23 -2.26
CA ALA B 226 10.15 14.51 -3.53
C ALA B 226 11.40 15.35 -3.30
N THR B 227 12.42 15.10 -4.13
CA THR B 227 13.70 15.79 -4.08
C THR B 227 14.08 16.19 -5.51
N PRO B 228 15.00 17.14 -5.66
CA PRO B 228 15.56 17.38 -6.98
C PRO B 228 16.25 16.13 -7.48
N PRO B 229 16.38 15.97 -8.80
CA PRO B 229 17.06 14.78 -9.32
C PRO B 229 18.46 14.65 -8.73
N ASN B 230 18.82 13.42 -8.35
CA ASN B 230 20.13 13.08 -7.83
C ASN B 230 20.44 13.71 -6.49
N SER B 231 19.43 14.09 -5.73
CA SER B 231 19.66 14.67 -4.42
C SER B 231 20.49 13.72 -3.56
N PRO B 232 21.50 14.23 -2.86
CA PRO B 232 22.31 13.37 -1.97
C PRO B 232 21.58 12.94 -0.71
N TYR B 233 20.35 13.41 -0.48
CA TYR B 233 19.61 13.10 0.74
C TYR B 233 18.56 11.99 0.56
N ARG B 234 18.23 11.61 -0.68
CA ARG B 234 17.12 10.68 -0.91
C ARG B 234 17.35 9.32 -0.26
N THR B 235 18.51 8.69 -0.50
CA THR B 235 18.71 7.35 0.05
C THR B 235 18.79 7.38 1.57
N ALA B 236 19.37 8.44 2.15
CA ALA B 236 19.39 8.56 3.60
C ALA B 236 17.98 8.62 4.16
N ILE B 237 17.10 9.38 3.52
CA ILE B 237 15.72 9.48 3.97
C ILE B 237 14.98 8.16 3.78
N ASN B 238 15.28 7.44 2.68
CA ASN B 238 14.66 6.14 2.45
C ASN B 238 14.88 5.21 3.64
N SER B 239 16.12 5.15 4.13
CA SER B 239 16.40 4.27 5.27
C SER B 239 15.67 4.72 6.51
N VAL B 240 15.60 6.03 6.77
CA VAL B 240 14.91 6.53 7.96
C VAL B 240 13.44 6.20 7.86
N ILE B 241 12.85 6.37 6.68
CA ILE B 241 11.44 6.08 6.49
C ILE B 241 11.16 4.61 6.80
N LEU B 242 11.99 3.71 6.26
CA LEU B 242 11.82 2.29 6.55
C LEU B 242 11.99 1.98 8.04
N LYS B 243 12.98 2.60 8.68
CA LYS B 243 13.18 2.38 10.12
C LYS B 243 11.98 2.90 10.93
N LEU B 244 11.51 4.12 10.62
CA LEU B 244 10.35 4.66 11.34
C LEU B 244 9.15 3.77 11.13
N GLN B 245 9.00 3.28 9.92
CA GLN B 245 7.89 2.38 9.63
C GLN B 245 8.00 1.11 10.45
N GLU B 246 9.20 0.49 10.46
CA GLU B 246 9.30 -0.85 11.02
C GLU B 246 9.21 -0.84 12.55
N GLU B 247 9.45 0.30 13.19
N GLU B 247 9.46 0.30 13.19
CA GLU B 247 9.33 0.38 14.65
CA GLU B 247 9.35 0.41 14.64
C GLU B 247 7.96 0.85 15.10
C GLU B 247 7.96 0.85 15.09
N GLY B 248 7.12 1.32 14.19
CA GLY B 248 5.78 1.75 14.52
C GLY B 248 5.55 3.24 14.59
N LYS B 249 6.57 4.07 14.34
CA LYS B 249 6.39 5.51 14.50
C LYS B 249 5.38 6.09 13.50
N LEU B 250 5.44 5.65 12.23
CA LEU B 250 4.50 6.17 11.24
C LEU B 250 3.07 5.71 11.52
N HIS B 251 2.92 4.49 12.09
CA HIS B 251 1.62 3.99 12.50
C HIS B 251 1.02 4.88 13.59
N ILE B 252 1.85 5.25 14.56
CA ILE B 252 1.43 6.16 15.63
C ILE B 252 1.02 7.51 15.05
N LEU B 253 1.77 8.02 14.08
CA LEU B 253 1.44 9.32 13.51
C LEU B 253 0.13 9.27 12.72
N LYS B 254 -0.12 8.17 12.03
CA LYS B 254 -1.38 8.03 11.28
C LYS B 254 -2.58 8.02 12.23
N THR B 255 -2.50 7.23 13.29
CA THR B 255 -3.58 7.20 14.26
C THR B 255 -3.77 8.56 14.88
N LYS B 256 -2.68 9.22 15.24
CA LYS B 256 -2.77 10.54 15.86
C LYS B 256 -3.62 11.47 15.01
N TRP B 257 -3.34 11.54 13.71
CA TRP B 257 -3.96 12.57 12.87
C TRP B 257 -5.31 12.16 12.28
N TRP B 258 -5.54 10.87 12.06
CA TRP B 258 -6.81 10.44 11.50
C TRP B 258 -7.87 10.15 12.57
N LYS B 259 -7.46 9.69 13.75
CA LYS B 259 -8.40 9.23 14.77
C LYS B 259 -8.43 10.10 16.01
N GLU B 260 -7.34 10.74 16.41
CA GLU B 260 -7.24 11.42 17.70
C GLU B 260 -7.51 12.92 17.55
N LYS B 261 -6.71 13.59 16.75
CA LYS B 261 -6.91 15.01 16.51
C LYS B 261 -8.22 15.14 15.76
N ARG B 262 -9.35 15.38 16.43
CA ARG B 262 -10.55 15.41 15.60
C ARG B 262 -10.58 16.58 14.65
N GLY B 263 -9.57 17.45 14.72
CA GLY B 263 -9.30 18.45 13.72
C GLY B 263 -7.91 19.01 13.93
N GLY B 264 -7.60 20.08 13.20
CA GLY B 264 -6.32 20.74 13.41
C GLY B 264 -6.04 21.91 12.50
#